data_6KKI
#
_entry.id   6KKI
#
_cell.length_a   69.778
_cell.length_b   84.698
_cell.length_c   88.188
_cell.angle_alpha   90.000
_cell.angle_beta   90.000
_cell.angle_gamma   90.000
#
_symmetry.space_group_name_H-M   'P 21 21 21'
#
loop_
_entity.id
_entity.type
_entity.pdbx_description
1 polymer 'Sugar efflux transporter'
2 non-polymer 'nonyl beta-D-glucopyranoside'
3 non-polymer '1-methylethyl 1-thio-beta-D-galactopyranoside'
#
_entity_poly.entity_id   1
_entity_poly.type   'polypeptide(L)'
_entity_poly.pdbx_seq_one_letter_code
;MGSSHHHHHHSSGLVPRGSHSDEVDAHMTTNTVSRKVAWLRVVTLAVAAFIFNTTEFVPVGLLSDIAQSFHMQTAQVGIM
LTIYAWVVALMSLPFMLMTSQVERRKLLICLFVVFIASHVLSFLSWSFTVLVISRIGVAFAHAIFWSITASLAIRMAPAG
KRAQALSLIATGTALAMVLGLPLGRIVGQYFGWRMTFFAIGIGALITLLCLIKLLPLLPSEHSGSLKSLPLLFRRPALMS
IYLLTVVVVTAHYTAYSYIEPFVQNIAGFSANFATALLLLLGGAGIIGSVIFGKLGNQYASALVSTAIALLLVCLALLLP
AANSEIHLGVLSIFWGIAMMIIGLGMQVKVLALAPDATDVAMALFSGIFNIGIGAGALVGNQVSLHWSMSMIGYVGAVPA
FAALIWSIIIFRRWPVTLEEQTQ
;
_entity_poly.pdbx_strand_id   A
#
loop_
_chem_comp.id
_chem_comp.type
_chem_comp.name
_chem_comp.formula
BNG D-saccharide 'nonyl beta-D-glucopyranoside' 'C15 H30 O6'
IPT D-saccharide '1-methylethyl 1-thio-beta-D-galactopyranoside' 'C9 H18 O5 S'
#
# COMPACT_ATOMS: atom_id res chain seq x y z
N VAL A 37 -13.03 -21.10 15.17
CA VAL A 37 -12.43 -19.97 15.96
C VAL A 37 -11.10 -19.52 15.39
N ALA A 38 -10.26 -20.48 14.97
CA ALA A 38 -9.00 -20.16 14.29
C ALA A 38 -9.27 -19.32 13.04
N TRP A 39 -9.92 -19.93 12.04
CA TRP A 39 -10.29 -19.21 10.83
C TRP A 39 -10.95 -17.86 11.15
N LEU A 40 -11.82 -17.80 12.15
CA LEU A 40 -12.46 -16.54 12.49
C LEU A 40 -11.48 -15.58 13.11
N ARG A 41 -10.88 -15.98 14.24
CA ARG A 41 -9.87 -15.16 14.91
C ARG A 41 -8.77 -14.65 13.96
N VAL A 42 -8.60 -15.32 12.81
CA VAL A 42 -7.69 -14.86 11.76
C VAL A 42 -8.39 -14.11 10.61
N VAL A 43 -9.58 -14.55 10.19
CA VAL A 43 -10.31 -13.83 9.12
C VAL A 43 -10.68 -12.41 9.60
N THR A 44 -10.97 -12.28 10.89
CA THR A 44 -11.15 -10.96 11.50
C THR A 44 -9.93 -10.04 11.31
N LEU A 45 -8.72 -10.58 11.45
CA LEU A 45 -7.51 -9.79 11.17
C LEU A 45 -7.36 -9.53 9.69
N ALA A 46 -7.58 -10.57 8.87
CA ALA A 46 -7.49 -10.43 7.42
C ALA A 46 -8.40 -9.29 6.96
N VAL A 47 -9.59 -9.21 7.55
CA VAL A 47 -10.44 -8.06 7.36
C VAL A 47 -9.74 -6.84 7.89
N ALA A 48 -9.27 -6.90 9.12
CA ALA A 48 -8.60 -5.75 9.72
C ALA A 48 -7.46 -5.20 8.86
N ALA A 49 -6.72 -6.06 8.16
CA ALA A 49 -5.65 -5.61 7.25
C ALA A 49 -6.23 -4.91 6.03
N PHE A 50 -7.34 -5.44 5.55
CA PHE A 50 -8.11 -4.80 4.51
C PHE A 50 -8.49 -3.34 4.85
N ILE A 51 -8.87 -3.07 6.09
CA ILE A 51 -9.25 -1.70 6.53
C ILE A 51 -8.06 -0.73 6.50
N PHE A 52 -6.99 -1.05 7.22
CA PHE A 52 -5.81 -0.19 7.34
C PHE A 52 -5.17 0.14 6.00
N ASN A 53 -4.99 -0.91 5.18
CA ASN A 53 -4.41 -0.77 3.85
C ASN A 53 -5.39 -0.13 2.89
N THR A 54 -6.69 -0.40 3.03
CA THR A 54 -7.70 0.34 2.27
C THR A 54 -7.62 1.83 2.49
N THR A 55 -7.53 2.25 3.76
CA THR A 55 -7.49 3.67 4.17
C THR A 55 -6.35 4.43 3.53
N GLU A 56 -5.13 3.89 3.63
CA GLU A 56 -3.98 4.70 3.26
C GLU A 56 -3.94 5.07 1.77
N PHE A 57 -4.55 4.21 0.92
CA PHE A 57 -4.61 4.40 -0.55
C PHE A 57 -5.88 5.05 -1.06
N VAL A 58 -6.91 5.13 -0.24
CA VAL A 58 -8.16 5.77 -0.64
C VAL A 58 -7.93 7.19 -1.19
N PRO A 59 -7.01 7.97 -0.58
CA PRO A 59 -6.76 9.30 -1.10
C PRO A 59 -6.47 9.37 -2.59
N VAL A 60 -5.95 8.28 -3.16
CA VAL A 60 -5.66 8.20 -4.60
C VAL A 60 -6.90 8.44 -5.47
N GLY A 61 -8.03 7.88 -5.06
CA GLY A 61 -9.32 8.16 -5.68
C GLY A 61 -10.08 9.36 -5.15
N LEU A 62 -9.44 10.17 -4.28
CA LEU A 62 -10.09 11.32 -3.63
C LEU A 62 -9.30 12.63 -3.69
N LEU A 63 -8.30 12.74 -4.57
CA LEU A 63 -7.41 13.92 -4.60
C LEU A 63 -8.13 15.20 -5.09
N SER A 64 -8.85 15.04 -6.20
CA SER A 64 -9.69 16.09 -6.74
C SER A 64 -10.69 16.59 -5.70
N ASP A 65 -11.52 15.71 -5.14
CA ASP A 65 -12.50 16.10 -4.14
C ASP A 65 -11.88 16.80 -2.94
N ILE A 66 -10.83 16.18 -2.39
CA ILE A 66 -10.22 16.72 -1.19
C ILE A 66 -9.69 18.11 -1.51
N ALA A 67 -9.04 18.25 -2.67
CA ALA A 67 -8.53 19.53 -3.18
C ALA A 67 -9.66 20.55 -3.28
N GLN A 68 -10.75 20.17 -3.96
CA GLN A 68 -11.89 21.08 -4.19
C GLN A 68 -12.37 21.71 -2.89
N SER A 69 -12.56 20.89 -1.86
CA SER A 69 -13.08 21.38 -0.58
C SER A 69 -12.12 22.32 0.15
N PHE A 70 -10.83 22.29 -0.19
CA PHE A 70 -9.81 23.09 0.50
C PHE A 70 -9.10 24.14 -0.36
N HIS A 71 -9.61 24.35 -1.58
CA HIS A 71 -9.19 25.45 -2.48
C HIS A 71 -7.70 25.38 -2.81
N MET A 72 -7.18 24.17 -3.04
CA MET A 72 -5.77 23.93 -3.39
C MET A 72 -5.76 23.08 -4.64
N GLN A 73 -4.58 22.74 -5.16
CA GLN A 73 -4.50 21.94 -6.39
C GLN A 73 -4.21 20.48 -6.11
N THR A 74 -4.79 19.61 -6.95
CA THR A 74 -4.73 18.16 -6.79
C THR A 74 -3.39 17.68 -6.22
N ALA A 75 -2.29 17.94 -6.93
CA ALA A 75 -1.01 17.41 -6.50
C ALA A 75 -0.62 17.87 -5.12
N GLN A 76 -0.93 19.13 -4.78
CA GLN A 76 -0.65 19.64 -3.43
C GLN A 76 -1.24 18.76 -2.33
N VAL A 77 -2.41 18.17 -2.59
CA VAL A 77 -3.07 17.33 -1.57
C VAL A 77 -2.40 15.96 -1.46
N GLY A 78 -1.71 15.55 -2.53
CA GLY A 78 -0.83 14.37 -2.54
C GLY A 78 0.11 14.19 -1.38
N ILE A 79 0.55 15.29 -0.76
CA ILE A 79 1.47 15.23 0.38
C ILE A 79 0.94 14.56 1.65
N MET A 80 -0.38 14.54 1.82
CA MET A 80 -0.96 13.81 2.94
C MET A 80 -0.61 12.33 2.84
N LEU A 81 -0.25 11.87 1.64
CA LEU A 81 0.25 10.50 1.43
C LEU A 81 1.65 10.34 1.95
N THR A 82 2.50 11.30 1.63
CA THR A 82 3.86 11.32 2.15
C THR A 82 3.87 11.47 3.65
N ILE A 83 3.06 12.39 4.18
CA ILE A 83 3.06 12.64 5.64
C ILE A 83 2.69 11.36 6.38
N TYR A 84 1.66 10.68 5.87
CA TYR A 84 1.17 9.44 6.43
C TYR A 84 2.30 8.44 6.38
N ALA A 85 2.80 8.26 5.17
CA ALA A 85 3.75 7.22 4.94
C ALA A 85 4.97 7.42 5.82
N TRP A 86 5.51 8.63 5.81
CA TRP A 86 6.76 8.85 6.50
C TRP A 86 6.63 8.78 8.04
N VAL A 87 5.47 9.12 8.57
CA VAL A 87 5.18 8.86 9.97
C VAL A 87 5.19 7.35 10.26
N VAL A 88 4.63 6.55 9.37
CA VAL A 88 4.68 5.08 9.52
C VAL A 88 6.12 4.56 9.38
N ALA A 89 6.90 5.18 8.49
CA ALA A 89 8.30 4.87 8.40
C ALA A 89 9.00 5.19 9.72
N LEU A 90 8.85 6.43 10.21
CA LEU A 90 9.56 6.85 11.43
C LEU A 90 9.19 6.05 12.64
N MET A 91 7.91 5.69 12.75
CA MET A 91 7.39 5.09 13.95
C MET A 91 7.22 3.58 13.89
N SER A 92 7.31 2.94 12.72
CA SER A 92 7.06 1.49 12.71
C SER A 92 7.95 0.85 13.76
N LEU A 93 9.25 1.17 13.75
CA LEU A 93 10.18 0.55 14.69
C LEU A 93 10.11 1.01 16.15
N PRO A 94 10.30 2.32 16.44
CA PRO A 94 10.16 2.81 17.83
C PRO A 94 8.81 2.51 18.50
N PHE A 95 7.71 2.61 17.76
CA PHE A 95 6.40 2.32 18.35
C PHE A 95 6.25 0.86 18.72
N MET A 96 6.62 -0.03 17.84
CA MET A 96 6.51 -1.39 18.24
C MET A 96 7.42 -1.64 19.44
N LEU A 97 8.63 -1.08 19.42
CA LEU A 97 9.57 -1.27 20.54
C LEU A 97 8.77 -1.01 21.80
N MET A 98 8.32 0.23 21.96
CA MET A 98 7.70 0.67 23.21
C MET A 98 6.44 -0.13 23.50
N THR A 99 5.73 -0.50 22.44
CA THR A 99 4.43 -1.17 22.56
C THR A 99 4.52 -2.66 22.90
N SER A 100 5.64 -3.33 22.59
CA SER A 100 5.69 -4.79 22.73
C SER A 100 5.82 -5.29 24.17
N GLN A 101 6.44 -4.47 25.03
CA GLN A 101 6.35 -4.67 26.47
C GLN A 101 4.95 -5.18 26.84
N VAL A 102 3.91 -4.37 26.58
CA VAL A 102 2.48 -4.71 26.89
C VAL A 102 1.59 -4.80 25.60
N GLU A 103 1.28 -6.03 25.18
CA GLU A 103 0.81 -6.31 23.81
C GLU A 103 -0.38 -7.30 23.69
N ARG A 104 -1.41 -7.11 24.53
CA ARG A 104 -2.65 -7.89 24.41
C ARG A 104 -3.58 -7.36 23.28
N ARG A 105 -4.68 -8.09 23.03
CA ARG A 105 -5.78 -7.57 22.21
C ARG A 105 -6.16 -6.18 22.68
N LYS A 106 -5.88 -5.86 23.95
CA LYS A 106 -5.92 -4.48 24.45
C LYS A 106 -5.34 -3.50 23.44
N LEU A 107 -4.14 -3.80 22.95
CA LEU A 107 -3.46 -2.90 22.03
C LEU A 107 -4.26 -2.68 20.73
N LEU A 108 -4.79 -3.77 20.17
CA LEU A 108 -5.68 -3.67 19.01
C LEU A 108 -6.88 -2.78 19.24
N ILE A 109 -7.39 -2.80 20.46
CA ILE A 109 -8.52 -1.96 20.80
C ILE A 109 -8.08 -0.50 20.70
N CYS A 110 -7.00 -0.14 21.38
CA CYS A 110 -6.50 1.23 21.38
C CYS A 110 -6.05 1.71 20.00
N LEU A 111 -5.56 0.80 19.16
CA LEU A 111 -5.37 1.13 17.74
C LEU A 111 -6.69 1.56 17.19
N PHE A 112 -7.63 0.63 17.22
CA PHE A 112 -8.89 0.79 16.57
C PHE A 112 -9.63 1.99 17.05
N VAL A 113 -9.69 2.16 18.38
CA VAL A 113 -10.21 3.39 18.98
C VAL A 113 -9.59 4.64 18.34
N VAL A 114 -8.26 4.76 18.39
CA VAL A 114 -7.55 5.90 17.78
C VAL A 114 -7.84 6.01 16.27
N PHE A 115 -7.76 4.88 15.58
CA PHE A 115 -8.13 4.76 14.17
C PHE A 115 -9.49 5.39 13.97
N ILE A 116 -10.46 4.91 14.73
CA ILE A 116 -11.84 5.36 14.62
C ILE A 116 -12.00 6.86 14.98
N ALA A 117 -11.36 7.32 16.05
CA ALA A 117 -11.40 8.74 16.41
C ALA A 117 -10.83 9.56 15.30
N SER A 118 -9.64 9.20 14.82
CA SER A 118 -8.97 9.98 13.77
C SER A 118 -9.87 10.08 12.54
N HIS A 119 -10.45 8.97 12.13
CA HIS A 119 -11.36 8.99 11.00
C HIS A 119 -12.55 9.90 11.21
N VAL A 120 -13.02 10.00 12.44
CA VAL A 120 -14.07 10.95 12.77
C VAL A 120 -13.55 12.38 12.57
N LEU A 121 -12.32 12.64 13.01
CA LEU A 121 -11.69 13.94 12.78
C LEU A 121 -11.53 14.32 11.28
N SER A 122 -11.24 13.34 10.44
CA SER A 122 -11.10 13.58 9.00
C SER A 122 -12.41 14.11 8.45
N PHE A 123 -13.50 13.41 8.74
CA PHE A 123 -14.87 13.84 8.41
C PHE A 123 -15.18 15.28 8.89
N LEU A 124 -14.79 15.60 10.12
CA LEU A 124 -15.01 16.92 10.69
C LEU A 124 -13.96 17.90 10.21
N SER A 125 -12.89 17.43 9.56
CA SER A 125 -11.71 18.23 9.34
C SER A 125 -12.09 19.55 8.71
N TRP A 126 -11.68 20.63 9.38
CA TRP A 126 -12.05 22.00 8.99
C TRP A 126 -10.90 22.77 8.31
N SER A 127 -9.85 22.05 7.91
CA SER A 127 -8.78 22.59 7.08
C SER A 127 -8.02 21.39 6.59
N PHE A 128 -7.33 21.55 5.46
CA PHE A 128 -6.43 20.49 4.98
C PHE A 128 -5.35 20.14 6.04
N THR A 129 -5.04 21.07 6.93
CA THR A 129 -4.13 20.82 8.05
C THR A 129 -4.72 19.83 9.02
N VAL A 130 -5.96 20.08 9.43
CA VAL A 130 -6.67 19.19 10.34
C VAL A 130 -6.79 17.81 9.69
N LEU A 131 -7.06 17.77 8.39
CA LEU A 131 -7.16 16.49 7.67
C LEU A 131 -5.87 15.70 7.92
N VAL A 132 -4.74 16.31 7.56
CA VAL A 132 -3.46 15.61 7.60
C VAL A 132 -2.97 15.24 9.03
N ILE A 133 -3.30 16.09 10.00
CA ILE A 133 -3.15 15.80 11.45
C ILE A 133 -3.87 14.49 11.81
N SER A 134 -5.08 14.35 11.27
CA SER A 134 -5.87 13.15 11.41
C SER A 134 -5.16 11.96 10.78
N ARG A 135 -4.57 12.17 9.61
CA ARG A 135 -3.80 11.12 8.93
C ARG A 135 -2.62 10.60 9.76
N ILE A 136 -2.05 11.45 10.59
CA ILE A 136 -0.99 11.02 11.49
C ILE A 136 -1.56 10.12 12.56
N GLY A 137 -2.71 10.52 13.10
CA GLY A 137 -3.42 9.71 14.06
C GLY A 137 -3.57 8.32 13.52
N VAL A 138 -4.06 8.21 12.28
CA VAL A 138 -4.28 6.90 11.68
C VAL A 138 -2.97 6.19 11.53
N ALA A 139 -1.97 6.92 11.03
CA ALA A 139 -0.63 6.38 10.78
C ALA A 139 -0.02 5.79 12.06
N PHE A 140 -0.24 6.43 13.20
CA PHE A 140 0.20 5.88 14.48
C PHE A 140 -0.37 4.50 14.76
N ALA A 141 -1.67 4.32 14.54
CA ALA A 141 -2.30 3.01 14.62
C ALA A 141 -1.75 2.08 13.54
N HIS A 142 -1.62 2.62 12.34
CA HIS A 142 -1.10 1.89 11.18
C HIS A 142 0.24 1.29 11.50
N ALA A 143 1.10 2.15 12.00
CA ALA A 143 2.45 1.77 12.32
C ALA A 143 2.47 0.56 13.22
N ILE A 144 1.69 0.64 14.30
CA ILE A 144 1.63 -0.40 15.33
C ILE A 144 0.97 -1.64 14.79
N PHE A 145 -0.18 -1.49 14.16
CA PHE A 145 -0.88 -2.63 13.60
C PHE A 145 0.06 -3.57 12.84
N TRP A 146 0.78 -3.01 11.88
CA TRP A 146 1.44 -3.82 10.86
C TRP A 146 2.75 -4.47 11.29
N SER A 147 3.31 -3.98 12.38
CA SER A 147 4.29 -4.73 13.16
C SER A 147 3.65 -6.05 13.61
N ILE A 148 2.52 -5.91 14.30
CA ILE A 148 1.86 -6.99 15.04
C ILE A 148 1.19 -8.05 14.17
N THR A 149 0.49 -7.60 13.14
CA THR A 149 -0.37 -8.47 12.34
C THR A 149 0.33 -9.72 11.81
N ALA A 150 1.62 -9.62 11.51
CA ALA A 150 2.38 -10.77 11.01
C ALA A 150 2.29 -11.95 11.99
N SER A 151 2.67 -11.70 13.25
CA SER A 151 2.65 -12.75 14.30
C SER A 151 1.28 -13.28 14.65
N LEU A 152 0.37 -12.36 14.96
CA LEU A 152 -0.94 -12.72 15.51
C LEU A 152 -1.60 -13.79 14.66
N ALA A 153 -1.59 -13.63 13.34
CA ALA A 153 -2.08 -14.68 12.42
C ALA A 153 -1.48 -16.06 12.75
N ILE A 154 -0.18 -16.08 13.03
CA ILE A 154 0.54 -17.29 13.44
C ILE A 154 0.18 -17.71 14.88
N ARG A 155 0.16 -16.77 15.81
CA ARG A 155 -0.17 -17.07 17.22
C ARG A 155 -1.51 -17.78 17.39
N MET A 156 -2.49 -17.47 16.54
CA MET A 156 -3.70 -18.30 16.37
C MET A 156 -3.26 -19.40 15.36
N ALA A 157 -2.43 -20.32 15.86
CA ALA A 157 -2.04 -21.59 15.22
C ALA A 157 -1.16 -22.40 16.18
N ALA A 163 1.85 -20.76 10.13
CA ALA A 163 0.92 -21.51 9.29
C ALA A 163 0.70 -20.82 7.91
N GLN A 164 -0.47 -21.03 7.28
CA GLN A 164 -0.93 -20.20 6.17
C GLN A 164 -1.95 -19.15 6.61
N ALA A 165 -1.77 -18.66 7.83
CA ALA A 165 -2.53 -17.53 8.36
C ALA A 165 -2.15 -16.24 7.64
N LEU A 166 -0.99 -16.26 6.99
CA LEU A 166 -0.40 -15.09 6.37
C LEU A 166 -1.02 -14.80 5.01
N SER A 167 -1.40 -15.86 4.29
CA SER A 167 -2.17 -15.67 3.05
C SER A 167 -3.46 -14.89 3.31
N LEU A 168 -4.18 -15.29 4.36
CA LEU A 168 -5.42 -14.64 4.73
C LEU A 168 -5.21 -13.14 4.89
N ILE A 169 -4.22 -12.81 5.72
CA ILE A 169 -3.77 -11.43 5.92
C ILE A 169 -3.50 -10.79 4.58
N ALA A 170 -2.67 -11.47 3.80
CA ALA A 170 -2.32 -11.04 2.47
C ALA A 170 -3.53 -10.95 1.55
N THR A 171 -4.49 -11.86 1.71
CA THR A 171 -5.68 -11.83 0.88
C THR A 171 -6.43 -10.55 1.16
N GLY A 172 -6.54 -10.22 2.44
CA GLY A 172 -7.11 -8.95 2.86
C GLY A 172 -6.35 -7.77 2.27
N THR A 173 -5.04 -7.76 2.52
CA THR A 173 -4.12 -6.84 1.85
C THR A 173 -4.45 -6.76 0.35
N ALA A 174 -4.55 -7.92 -0.29
CA ALA A 174 -4.84 -7.99 -1.73
C ALA A 174 -6.21 -7.43 -2.08
N LEU A 175 -7.25 -7.83 -1.33
CA LEU A 175 -8.63 -7.41 -1.60
C LEU A 175 -8.93 -5.95 -1.27
N ALA A 176 -7.93 -5.24 -0.70
CA ALA A 176 -7.96 -3.77 -0.56
C ALA A 176 -7.93 -3.00 -1.89
N MET A 177 -7.03 -3.37 -2.80
CA MET A 177 -6.93 -2.72 -4.12
C MET A 177 -8.12 -3.01 -5.06
N VAL A 178 -8.82 -4.12 -4.80
CA VAL A 178 -9.80 -4.65 -5.72
C VAL A 178 -11.20 -4.20 -5.36
N LEU A 179 -11.54 -4.30 -4.08
CA LEU A 179 -12.86 -3.89 -3.59
C LEU A 179 -12.79 -2.59 -2.80
N GLY A 180 -11.80 -2.47 -1.93
CA GLY A 180 -11.68 -1.32 -1.03
C GLY A 180 -11.59 -0.01 -1.76
N LEU A 181 -10.45 0.22 -2.39
CA LEU A 181 -10.19 1.49 -3.06
C LEU A 181 -11.21 1.82 -4.17
N PRO A 182 -11.60 0.82 -4.99
CA PRO A 182 -12.57 1.17 -6.02
C PRO A 182 -13.88 1.64 -5.41
N LEU A 183 -14.40 0.88 -4.47
CA LEU A 183 -15.71 1.20 -3.90
C LEU A 183 -15.67 2.49 -3.07
N GLY A 184 -14.52 2.75 -2.46
CA GLY A 184 -14.23 4.03 -1.83
C GLY A 184 -14.29 5.24 -2.76
N ARG A 185 -13.90 5.07 -4.01
CA ARG A 185 -14.07 6.13 -4.99
C ARG A 185 -15.57 6.33 -5.25
N ILE A 186 -16.27 5.26 -5.66
CA ILE A 186 -17.67 5.38 -6.07
C ILE A 186 -18.46 6.06 -4.94
N VAL A 187 -18.13 5.73 -3.69
CA VAL A 187 -18.77 6.38 -2.54
C VAL A 187 -18.39 7.87 -2.55
N GLY A 188 -17.10 8.16 -2.66
CA GLY A 188 -16.63 9.54 -2.78
C GLY A 188 -17.19 10.29 -3.99
N GLN A 189 -17.57 9.55 -5.03
CA GLN A 189 -18.34 10.12 -6.12
C GLN A 189 -19.70 10.61 -5.63
N TYR A 190 -20.62 9.71 -5.28
CA TYR A 190 -21.96 10.16 -4.90
C TYR A 190 -21.85 11.10 -3.69
N PHE A 191 -21.23 10.59 -2.62
CA PHE A 191 -21.31 11.16 -1.28
C PHE A 191 -20.18 12.12 -0.92
N GLY A 192 -19.04 11.99 -1.59
CA GLY A 192 -17.91 12.88 -1.36
C GLY A 192 -16.95 12.29 -0.37
N TRP A 193 -15.77 12.90 -0.27
CA TRP A 193 -14.65 12.37 0.53
C TRP A 193 -14.78 12.26 2.03
N ARG A 194 -15.49 13.18 2.67
CA ARG A 194 -15.68 13.14 4.11
C ARG A 194 -16.47 11.92 4.58
N MET A 195 -17.55 11.62 3.84
CA MET A 195 -18.37 10.42 4.11
C MET A 195 -17.51 9.17 3.88
N THR A 196 -16.74 9.14 2.80
CA THR A 196 -15.79 8.05 2.56
C THR A 196 -14.91 7.78 3.77
N PHE A 197 -14.33 8.83 4.33
CA PHE A 197 -13.55 8.70 5.56
C PHE A 197 -14.41 8.28 6.76
N PHE A 198 -15.59 8.87 6.92
CA PHE A 198 -16.45 8.51 8.04
C PHE A 198 -16.89 7.05 7.93
N ALA A 199 -17.21 6.63 6.69
CA ALA A 199 -17.61 5.26 6.39
C ALA A 199 -16.60 4.26 6.96
N ILE A 200 -15.34 4.42 6.55
CA ILE A 200 -14.28 3.51 6.99
C ILE A 200 -14.20 3.35 8.53
N GLY A 201 -14.34 4.49 9.24
CA GLY A 201 -14.37 4.55 10.69
C GLY A 201 -15.36 3.57 11.28
N ILE A 202 -16.51 3.43 10.61
CA ILE A 202 -17.53 2.50 11.10
C ILE A 202 -17.15 1.02 10.92
N GLY A 203 -16.48 0.71 9.81
CA GLY A 203 -15.97 -0.64 9.58
C GLY A 203 -15.09 -1.05 10.74
N ALA A 204 -14.14 -0.17 11.04
CA ALA A 204 -13.21 -0.40 12.12
C ALA A 204 -13.99 -0.74 13.37
N LEU A 205 -15.08 -0.04 13.62
CA LEU A 205 -15.94 -0.40 14.75
C LEU A 205 -16.58 -1.81 14.58
N ILE A 206 -17.41 -2.02 13.57
CA ILE A 206 -18.09 -3.34 13.48
C ILE A 206 -17.07 -4.48 13.54
N THR A 207 -15.87 -4.23 13.04
CA THR A 207 -14.81 -5.22 13.08
C THR A 207 -14.15 -5.27 14.43
N LEU A 208 -14.00 -4.11 15.08
CA LEU A 208 -13.57 -4.05 16.48
C LEU A 208 -14.48 -4.88 17.38
N LEU A 209 -15.80 -4.81 17.13
CA LEU A 209 -16.75 -5.55 17.96
C LEU A 209 -16.66 -7.04 17.65
N CYS A 210 -16.59 -7.41 16.36
CA CYS A 210 -16.14 -8.75 15.96
C CYS A 210 -14.82 -9.14 16.60
N LEU A 211 -13.94 -8.17 16.75
CA LEU A 211 -12.66 -8.40 17.39
C LEU A 211 -12.86 -8.76 18.86
N ILE A 212 -13.56 -7.92 19.62
CA ILE A 212 -13.63 -8.11 21.09
C ILE A 212 -14.23 -9.47 21.44
N LYS A 213 -15.25 -9.91 20.70
CA LYS A 213 -15.84 -11.24 20.91
C LYS A 213 -14.86 -12.41 20.74
N LEU A 214 -13.73 -12.19 20.05
CA LEU A 214 -12.69 -13.21 19.92
C LEU A 214 -11.32 -12.70 20.51
N LEU A 215 -10.94 -13.14 21.72
CA LEU A 215 -9.76 -12.58 22.48
C LEU A 215 -8.95 -13.68 23.22
N PRO A 216 -7.79 -13.34 23.88
CA PRO A 216 -7.22 -14.08 25.03
C PRO A 216 -7.11 -13.25 26.32
N SER A 228 18.59 -8.70 18.49
CA SER A 228 17.39 -8.89 17.67
C SER A 228 17.53 -8.32 16.26
N LEU A 229 18.07 -7.10 16.21
CA LEU A 229 18.13 -6.27 14.98
C LEU A 229 19.47 -6.30 14.21
N PRO A 230 20.60 -6.45 14.91
CA PRO A 230 21.83 -6.60 14.14
C PRO A 230 21.90 -7.88 13.33
N LEU A 231 21.26 -8.96 13.79
CA LEU A 231 21.30 -10.22 13.03
C LEU A 231 20.75 -9.99 11.64
N LEU A 232 19.62 -9.27 11.57
CA LEU A 232 18.96 -8.92 10.31
C LEU A 232 19.80 -7.95 9.47
N PHE A 233 20.30 -6.90 10.11
CA PHE A 233 21.26 -5.99 9.45
C PHE A 233 22.45 -6.70 8.82
N ARG A 234 22.81 -7.85 9.40
CA ARG A 234 23.84 -8.77 8.86
C ARG A 234 23.33 -9.94 7.99
N ARG A 235 22.15 -9.82 7.40
CA ARG A 235 21.71 -10.74 6.35
C ARG A 235 21.62 -9.92 5.06
N PRO A 236 22.77 -9.67 4.40
CA PRO A 236 22.76 -8.88 3.17
C PRO A 236 21.59 -9.21 2.22
N ALA A 237 21.28 -10.50 2.05
CA ALA A 237 20.16 -10.94 1.19
C ALA A 237 18.83 -10.35 1.59
N LEU A 238 18.56 -10.36 2.89
CA LEU A 238 17.41 -9.68 3.45
C LEU A 238 17.54 -8.17 3.23
N MET A 239 18.71 -7.62 3.55
CA MET A 239 18.94 -6.20 3.33
C MET A 239 18.73 -5.83 1.87
N SER A 240 19.29 -6.64 0.98
CA SER A 240 19.13 -6.44 -0.45
C SER A 240 17.66 -6.46 -0.86
N ILE A 241 16.89 -7.27 -0.16
CA ILE A 241 15.46 -7.33 -0.41
C ILE A 241 14.84 -6.08 0.14
N TYR A 242 15.13 -5.73 1.40
CA TYR A 242 14.69 -4.43 1.92
C TYR A 242 15.09 -3.29 0.95
N LEU A 243 16.25 -3.39 0.34
CA LEU A 243 16.66 -2.38 -0.62
C LEU A 243 15.77 -2.33 -1.88
N LEU A 244 15.64 -3.47 -2.54
CA LEU A 244 14.79 -3.59 -3.76
C LEU A 244 13.39 -3.03 -3.55
N THR A 245 12.83 -3.34 -2.39
CA THR A 245 11.50 -2.90 -2.02
C THR A 245 11.39 -1.39 -2.08
N VAL A 246 12.30 -0.70 -1.39
CA VAL A 246 12.25 0.77 -1.23
C VAL A 246 12.22 1.48 -2.58
N VAL A 247 13.10 1.01 -3.43
CA VAL A 247 13.31 1.54 -4.73
C VAL A 247 12.06 1.31 -5.57
N VAL A 248 11.69 0.03 -5.80
CA VAL A 248 10.58 -0.30 -6.73
C VAL A 248 9.22 0.35 -6.37
N VAL A 249 8.97 0.46 -5.07
CA VAL A 249 7.80 1.15 -4.55
C VAL A 249 7.81 2.63 -4.95
N THR A 250 8.93 3.33 -4.77
CA THR A 250 9.06 4.72 -5.26
C THR A 250 8.75 4.94 -6.75
N ALA A 251 9.21 3.98 -7.55
CA ALA A 251 8.91 3.92 -8.98
C ALA A 251 7.40 3.90 -9.25
N HIS A 252 6.72 2.99 -8.56
CA HIS A 252 5.29 2.77 -8.76
C HIS A 252 4.44 3.90 -8.17
N TYR A 253 4.81 4.41 -7.00
CA TYR A 253 4.04 5.50 -6.36
C TYR A 253 4.38 6.87 -6.89
N THR A 254 5.38 6.96 -7.75
CA THR A 254 5.60 8.16 -8.55
C THR A 254 4.39 8.42 -9.47
N ALA A 255 3.93 7.33 -10.08
CA ALA A 255 2.88 7.37 -11.07
C ALA A 255 1.49 7.08 -10.52
N TYR A 256 1.39 5.95 -9.81
CA TYR A 256 0.13 5.46 -9.27
C TYR A 256 -0.57 6.42 -8.31
N SER A 257 0.20 7.15 -7.50
CA SER A 257 -0.37 8.18 -6.63
C SER A 257 -1.30 9.15 -7.39
N TYR A 258 -0.82 9.62 -8.54
CA TYR A 258 -1.50 10.69 -9.31
C TYR A 258 -2.29 10.21 -10.54
N ILE A 259 -2.44 8.90 -10.69
CA ILE A 259 -3.24 8.36 -11.78
C ILE A 259 -4.59 9.07 -11.99
N GLU A 260 -5.29 9.46 -10.91
CA GLU A 260 -6.60 10.15 -11.03
C GLU A 260 -6.45 11.53 -11.67
N PRO A 261 -5.73 12.48 -11.02
CA PRO A 261 -5.58 13.75 -11.76
C PRO A 261 -4.83 13.59 -13.06
N PHE A 262 -4.17 12.46 -13.28
CA PHE A 262 -3.57 12.17 -14.56
C PHE A 262 -4.65 11.85 -15.58
N VAL A 263 -5.48 10.87 -15.28
CA VAL A 263 -6.53 10.47 -16.22
C VAL A 263 -7.51 11.63 -16.48
N GLN A 264 -7.78 12.45 -15.46
CA GLN A 264 -8.57 13.69 -15.63
C GLN A 264 -7.92 14.97 -16.18
N ASN A 265 -6.99 15.56 -15.42
CA ASN A 265 -6.34 16.82 -15.83
C ASN A 265 -5.43 16.68 -17.06
N ILE A 266 -4.85 15.49 -17.30
CA ILE A 266 -3.80 15.30 -18.32
C ILE A 266 -4.09 14.44 -19.56
N ALA A 267 -4.64 13.24 -19.36
CA ALA A 267 -5.06 12.38 -20.48
C ALA A 267 -6.44 12.70 -21.01
N GLY A 268 -7.20 13.53 -20.28
CA GLY A 268 -8.43 14.19 -20.78
C GLY A 268 -9.76 13.48 -20.58
N PHE A 269 -9.73 12.22 -20.14
CA PHE A 269 -10.92 11.37 -20.12
C PHE A 269 -11.86 11.79 -18.98
N SER A 270 -12.99 11.10 -18.92
CA SER A 270 -14.02 11.35 -17.90
C SER A 270 -13.58 10.87 -16.51
N ALA A 271 -14.12 11.52 -15.48
CA ALA A 271 -13.99 11.07 -14.10
C ALA A 271 -14.60 9.68 -13.86
N ASN A 272 -15.50 9.26 -14.73
CA ASN A 272 -15.95 7.87 -14.76
C ASN A 272 -14.86 6.98 -15.31
N PHE A 273 -14.21 7.38 -16.39
CA PHE A 273 -13.12 6.56 -16.97
C PHE A 273 -11.98 6.30 -15.97
N ALA A 274 -11.62 7.34 -15.20
CA ALA A 274 -10.64 7.17 -14.13
C ALA A 274 -11.05 6.06 -13.17
N THR A 275 -12.27 6.16 -12.66
CA THR A 275 -12.85 5.16 -11.76
C THR A 275 -12.83 3.79 -12.41
N ALA A 276 -13.02 3.78 -13.73
CA ALA A 276 -12.96 2.55 -14.53
C ALA A 276 -11.60 1.88 -14.45
N LEU A 277 -10.53 2.66 -14.69
CA LEU A 277 -9.16 2.14 -14.59
C LEU A 277 -8.85 1.56 -13.22
N LEU A 278 -9.28 2.27 -12.16
CA LEU A 278 -9.05 1.84 -10.79
C LEU A 278 -9.67 0.48 -10.47
N LEU A 279 -10.81 0.18 -11.09
CA LEU A 279 -11.44 -1.13 -10.96
C LEU A 279 -10.62 -2.19 -11.71
N LEU A 280 -10.19 -1.81 -12.89
CA LEU A 280 -9.52 -2.71 -13.81
C LEU A 280 -8.20 -3.16 -13.19
N LEU A 281 -7.44 -2.19 -12.69
CA LEU A 281 -6.19 -2.42 -11.92
C LEU A 281 -6.34 -3.37 -10.72
N GLY A 282 -7.44 -3.20 -9.99
CA GLY A 282 -7.70 -4.02 -8.82
C GLY A 282 -7.92 -5.45 -9.20
N GLY A 283 -8.79 -5.66 -10.17
CA GLY A 283 -9.09 -7.00 -10.69
C GLY A 283 -7.91 -7.60 -11.44
N ALA A 284 -7.24 -6.79 -12.26
CA ALA A 284 -5.93 -7.17 -12.79
C ALA A 284 -5.09 -7.74 -11.65
N GLY A 285 -5.07 -7.04 -10.52
CA GLY A 285 -4.44 -7.53 -9.30
C GLY A 285 -4.84 -8.94 -8.87
N ILE A 286 -6.09 -9.32 -9.08
CA ILE A 286 -6.52 -10.65 -8.66
C ILE A 286 -5.80 -11.73 -9.47
N ILE A 287 -5.83 -11.56 -10.79
CA ILE A 287 -5.02 -12.35 -11.71
C ILE A 287 -3.59 -12.42 -11.16
N GLY A 288 -2.98 -11.24 -10.94
CA GLY A 288 -1.61 -11.14 -10.48
C GLY A 288 -1.40 -11.93 -9.19
N SER A 289 -2.28 -11.68 -8.22
CA SER A 289 -2.16 -12.29 -6.89
C SER A 289 -2.32 -13.79 -7.00
N VAL A 290 -3.25 -14.26 -7.81
CA VAL A 290 -3.40 -15.71 -7.99
C VAL A 290 -2.38 -16.35 -8.94
N ILE A 291 -1.74 -15.59 -9.84
CA ILE A 291 -0.51 -16.10 -10.49
C ILE A 291 0.53 -16.46 -9.42
N PHE A 292 0.69 -15.56 -8.44
CA PHE A 292 1.68 -15.79 -7.42
C PHE A 292 1.24 -16.93 -6.52
N GLY A 293 0.08 -16.80 -5.91
CA GLY A 293 -0.42 -17.80 -4.97
C GLY A 293 -0.09 -19.20 -5.44
N LYS A 294 -0.43 -19.47 -6.69
CA LYS A 294 -0.23 -20.77 -7.27
C LYS A 294 1.19 -20.98 -7.78
N LEU A 295 1.89 -19.92 -8.20
CA LEU A 295 3.28 -20.05 -8.74
C LEU A 295 4.47 -19.28 -8.07
N GLY A 296 4.27 -18.70 -6.89
CA GLY A 296 5.30 -17.91 -6.21
C GLY A 296 6.12 -18.69 -5.19
N ASN A 297 5.66 -19.89 -4.81
CA ASN A 297 6.42 -20.76 -3.91
C ASN A 297 7.69 -21.32 -4.57
N GLN A 298 7.70 -21.29 -5.90
CA GLN A 298 8.91 -21.43 -6.70
C GLN A 298 8.87 -20.29 -7.70
N TYR A 299 9.75 -20.27 -8.70
CA TYR A 299 9.73 -19.22 -9.74
C TYR A 299 9.77 -17.76 -9.23
N ALA A 300 10.06 -17.57 -7.94
CA ALA A 300 9.88 -16.29 -7.28
C ALA A 300 10.76 -15.24 -7.95
N SER A 301 12.05 -15.57 -8.08
CA SER A 301 13.01 -14.73 -8.82
C SER A 301 12.47 -14.26 -10.16
N ALA A 302 12.08 -15.25 -10.98
CA ALA A 302 11.78 -15.01 -12.40
C ALA A 302 10.54 -14.13 -12.61
N LEU A 303 9.50 -14.47 -11.83
CA LEU A 303 8.25 -13.75 -11.77
C LEU A 303 8.50 -12.33 -11.39
N VAL A 304 9.15 -12.16 -10.24
CA VAL A 304 9.40 -10.83 -9.71
C VAL A 304 10.18 -9.96 -10.73
N SER A 305 11.24 -10.50 -11.33
CA SER A 305 12.04 -9.74 -12.28
C SER A 305 11.23 -9.36 -13.52
N THR A 306 10.55 -10.35 -14.10
CA THR A 306 9.72 -10.10 -15.29
C THR A 306 8.59 -9.11 -14.97
N ALA A 307 7.95 -9.32 -13.82
CA ALA A 307 7.03 -8.32 -13.28
C ALA A 307 7.65 -6.91 -13.28
N ILE A 308 8.76 -6.74 -12.58
CA ILE A 308 9.44 -5.44 -12.50
C ILE A 308 9.76 -4.90 -13.90
N ALA A 309 10.09 -5.83 -14.80
CA ALA A 309 10.28 -5.50 -16.20
C ALA A 309 8.96 -5.01 -16.81
N LEU A 310 7.89 -5.76 -16.61
CA LEU A 310 6.58 -5.33 -17.08
C LEU A 310 6.22 -3.92 -16.56
N LEU A 311 6.38 -3.71 -15.25
CA LEU A 311 6.22 -2.40 -14.61
C LEU A 311 7.02 -1.32 -15.32
N LEU A 312 8.26 -1.64 -15.64
CA LEU A 312 9.13 -0.71 -16.36
C LEU A 312 8.44 -0.22 -17.64
N VAL A 313 8.02 -1.20 -18.45
CA VAL A 313 7.28 -0.94 -19.68
C VAL A 313 6.13 0.01 -19.41
N CYS A 314 5.19 -0.41 -18.55
CA CYS A 314 3.97 0.35 -18.25
C CYS A 314 4.27 1.79 -17.90
N LEU A 315 5.28 2.01 -17.07
CA LEU A 315 5.60 3.36 -16.59
C LEU A 315 6.10 4.26 -17.71
N ALA A 316 6.94 3.69 -18.57
CA ALA A 316 7.41 4.39 -19.78
C ALA A 316 6.24 4.70 -20.73
N LEU A 317 5.42 3.69 -21.00
CA LEU A 317 4.31 3.79 -21.94
C LEU A 317 3.01 4.44 -21.39
N LEU A 318 3.10 5.28 -20.36
CA LEU A 318 1.90 5.87 -19.74
C LEU A 318 1.38 7.02 -20.58
N LEU A 319 2.28 7.92 -20.96
CA LEU A 319 1.88 9.05 -21.81
C LEU A 319 1.53 8.65 -23.25
N PRO A 320 2.36 7.82 -23.93
CA PRO A 320 1.99 7.32 -25.25
C PRO A 320 0.70 6.47 -25.30
N ALA A 321 0.43 5.66 -24.27
CA ALA A 321 -0.81 4.84 -24.23
C ALA A 321 -2.05 5.66 -23.85
N ALA A 322 -1.83 6.86 -23.30
CA ALA A 322 -2.90 7.84 -23.09
C ALA A 322 -3.29 8.47 -24.42
N ASN A 323 -4.55 8.90 -24.48
CA ASN A 323 -5.25 9.10 -25.73
C ASN A 323 -5.50 7.75 -26.45
N SER A 324 -5.89 6.74 -25.70
CA SER A 324 -6.22 5.46 -26.28
C SER A 324 -6.86 4.80 -25.12
N GLU A 325 -8.16 4.90 -24.99
CA GLU A 325 -8.79 4.37 -23.81
C GLU A 325 -8.46 2.94 -23.67
N ILE A 326 -8.56 2.19 -24.74
CA ILE A 326 -8.26 0.79 -24.65
C ILE A 326 -6.81 0.62 -24.26
N HIS A 327 -5.96 1.50 -24.77
CA HIS A 327 -4.55 1.39 -24.45
C HIS A 327 -4.23 1.55 -22.99
N LEU A 328 -4.79 2.58 -22.37
CA LEU A 328 -4.53 2.82 -21.00
C LEU A 328 -5.11 1.70 -20.22
N GLY A 329 -6.22 1.20 -20.71
CA GLY A 329 -6.88 0.12 -20.02
C GLY A 329 -6.02 -1.10 -19.99
N VAL A 330 -5.39 -1.47 -21.10
CA VAL A 330 -4.57 -2.65 -21.09
C VAL A 330 -3.42 -2.34 -20.19
N LEU A 331 -2.83 -1.19 -20.42
CA LEU A 331 -1.74 -0.78 -19.53
C LEU A 331 -2.11 -1.13 -18.09
N SER A 332 -3.26 -0.66 -17.66
CA SER A 332 -3.86 -1.03 -16.38
C SER A 332 -3.90 -2.54 -16.09
N ILE A 333 -4.24 -3.34 -17.11
CA ILE A 333 -4.31 -4.80 -16.94
C ILE A 333 -2.92 -5.36 -16.63
N PHE A 334 -1.89 -4.86 -17.30
CA PHE A 334 -0.53 -5.34 -17.07
C PHE A 334 0.06 -4.71 -15.82
N TRP A 335 -0.03 -3.38 -15.72
CA TRP A 335 0.43 -2.65 -14.54
C TRP A 335 -0.04 -3.32 -13.25
N GLY A 336 -1.36 -3.55 -13.17
CA GLY A 336 -1.97 -4.18 -12.01
C GLY A 336 -1.39 -5.54 -11.69
N ILE A 337 -1.23 -6.37 -12.73
CA ILE A 337 -0.68 -7.71 -12.57
C ILE A 337 0.71 -7.61 -12.00
N ALA A 338 1.50 -6.66 -12.49
CA ALA A 338 2.85 -6.44 -11.96
C ALA A 338 2.81 -6.00 -10.51
N MET A 339 1.94 -5.04 -10.22
CA MET A 339 1.82 -4.44 -8.88
C MET A 339 1.75 -5.50 -7.74
N MET A 340 0.83 -6.45 -7.88
CA MET A 340 0.61 -7.45 -6.82
C MET A 340 1.70 -8.50 -6.71
N ILE A 341 2.17 -8.98 -7.87
CA ILE A 341 3.32 -9.90 -7.98
C ILE A 341 4.55 -9.33 -7.24
N ILE A 342 4.92 -8.10 -7.58
CA ILE A 342 6.02 -7.43 -6.90
C ILE A 342 5.67 -7.24 -5.42
N GLY A 343 4.45 -6.78 -5.13
CA GLY A 343 4.05 -6.47 -3.76
C GLY A 343 4.09 -7.64 -2.79
N LEU A 344 3.54 -8.78 -3.23
CA LEU A 344 3.54 -9.99 -2.43
C LEU A 344 4.88 -10.67 -2.54
N GLY A 345 5.52 -10.51 -3.69
CA GLY A 345 6.87 -11.02 -3.92
C GLY A 345 7.84 -10.76 -2.77
N MET A 346 7.82 -9.54 -2.25
CA MET A 346 8.75 -9.11 -1.21
C MET A 346 8.32 -9.59 0.16
N GLN A 347 7.04 -9.38 0.48
CA GLN A 347 6.53 -9.85 1.77
C GLN A 347 6.93 -11.32 1.99
N VAL A 348 6.65 -12.16 1.00
CA VAL A 348 6.94 -13.58 1.08
C VAL A 348 8.43 -13.87 1.31
N LYS A 349 9.28 -13.17 0.57
CA LYS A 349 10.72 -13.36 0.68
C LYS A 349 11.29 -12.85 2.02
N VAL A 350 10.81 -11.72 2.53
CA VAL A 350 11.31 -11.23 3.82
C VAL A 350 11.00 -12.23 4.91
N LEU A 351 9.80 -12.82 4.85
CA LEU A 351 9.34 -13.76 5.87
C LEU A 351 10.18 -14.98 5.76
N ALA A 352 10.30 -15.48 4.52
CA ALA A 352 11.23 -16.55 4.23
C ALA A 352 12.59 -16.28 4.90
N LEU A 353 13.21 -15.16 4.55
CA LEU A 353 14.56 -14.82 5.03
C LEU A 353 14.70 -14.51 6.53
N ALA A 354 13.61 -14.35 7.28
CA ALA A 354 13.70 -13.94 8.69
C ALA A 354 12.98 -14.75 9.77
N PRO A 355 12.96 -16.10 9.62
CA PRO A 355 12.07 -16.99 10.40
C PRO A 355 12.10 -16.75 11.90
N ASP A 356 13.32 -16.60 12.44
CA ASP A 356 13.58 -16.30 13.86
C ASP A 356 13.08 -14.94 14.41
N ALA A 357 12.79 -13.99 13.55
CA ALA A 357 12.27 -12.72 13.99
C ALA A 357 11.43 -12.14 12.89
N THR A 358 10.37 -12.83 12.56
CA THR A 358 9.53 -12.39 11.49
C THR A 358 8.88 -11.06 11.64
N ASP A 359 8.33 -10.79 12.81
CA ASP A 359 7.66 -9.54 12.98
C ASP A 359 8.59 -8.37 12.91
N VAL A 360 9.80 -8.57 13.36
CA VAL A 360 10.78 -7.48 13.28
C VAL A 360 11.15 -7.36 11.79
N ALA A 361 11.25 -8.50 11.11
CA ALA A 361 11.33 -8.49 9.67
C ALA A 361 10.23 -7.60 9.11
N MET A 362 9.00 -7.88 9.54
CA MET A 362 7.81 -7.20 9.03
C MET A 362 7.71 -5.76 9.49
N ALA A 363 8.12 -5.50 10.72
CA ALA A 363 8.21 -4.14 11.23
C ALA A 363 9.08 -3.29 10.34
N LEU A 364 10.21 -3.86 9.94
CA LEU A 364 11.13 -3.20 9.00
C LEU A 364 10.54 -3.09 7.63
N PHE A 365 9.89 -4.17 7.21
CA PHE A 365 9.24 -4.19 5.93
C PHE A 365 8.21 -3.10 5.82
N SER A 366 7.43 -2.94 6.90
CA SER A 366 6.39 -1.94 6.98
C SER A 366 7.00 -0.58 6.77
N GLY A 367 7.93 -0.22 7.65
CA GLY A 367 8.55 1.09 7.62
C GLY A 367 9.23 1.35 6.29
N ILE A 368 10.09 0.43 5.88
CA ILE A 368 10.89 0.66 4.67
C ILE A 368 10.01 0.68 3.43
N PHE A 369 8.85 0.01 3.49
CA PHE A 369 7.84 0.15 2.42
C PHE A 369 7.30 1.60 2.33
N ASN A 370 7.01 2.18 3.49
CA ASN A 370 6.46 3.54 3.57
C ASN A 370 7.43 4.67 3.22
N ILE A 371 8.73 4.39 3.24
CA ILE A 371 9.68 5.39 2.76
C ILE A 371 9.40 5.57 1.28
N GLY A 372 9.30 4.44 0.56
CA GLY A 372 9.04 4.41 -0.88
C GLY A 372 7.77 5.10 -1.34
N ILE A 373 6.72 5.03 -0.52
CA ILE A 373 5.43 5.68 -0.79
C ILE A 373 5.52 7.21 -0.67
N GLY A 374 6.13 7.67 0.43
CA GLY A 374 6.42 9.09 0.60
C GLY A 374 7.40 9.59 -0.44
N ALA A 375 8.43 8.80 -0.71
CA ALA A 375 9.35 9.07 -1.80
C ALA A 375 8.63 9.30 -3.13
N GLY A 376 7.89 8.28 -3.58
CA GLY A 376 7.12 8.35 -4.85
C GLY A 376 6.01 9.42 -4.90
N ALA A 377 5.23 9.52 -3.84
CA ALA A 377 4.29 10.62 -3.71
C ALA A 377 5.04 11.93 -3.91
N LEU A 378 6.05 12.17 -3.10
CA LEU A 378 6.78 13.44 -3.13
C LEU A 378 7.45 13.73 -4.46
N VAL A 379 8.15 12.76 -5.01
CA VAL A 379 8.75 13.02 -6.33
C VAL A 379 7.66 13.23 -7.37
N GLY A 380 6.61 12.38 -7.35
CA GLY A 380 5.42 12.56 -8.19
C GLY A 380 4.76 13.92 -8.00
N ASN A 381 4.66 14.36 -6.76
CA ASN A 381 4.17 15.70 -6.43
C ASN A 381 5.00 16.78 -7.10
N GLN A 382 6.31 16.65 -6.96
CA GLN A 382 7.24 17.70 -7.35
C GLN A 382 7.36 17.84 -8.86
N VAL A 383 7.48 16.71 -9.57
CA VAL A 383 7.41 16.71 -11.03
C VAL A 383 6.11 17.32 -11.53
N SER A 384 5.00 16.97 -10.87
CA SER A 384 3.68 17.48 -11.25
C SER A 384 3.63 18.97 -11.07
N LEU A 385 4.03 19.45 -9.89
CA LEU A 385 4.07 20.89 -9.62
C LEU A 385 5.06 21.67 -10.48
N HIS A 386 6.29 21.19 -10.64
CA HIS A 386 7.37 22.03 -11.19
C HIS A 386 7.67 21.84 -12.69
N TRP A 387 7.89 20.59 -13.12
CA TRP A 387 8.00 20.28 -14.57
C TRP A 387 6.54 19.76 -14.74
N SER A 388 6.24 18.93 -15.74
CA SER A 388 4.82 18.57 -16.01
C SER A 388 4.44 17.27 -15.31
N MET A 389 3.18 17.22 -14.89
CA MET A 389 2.56 15.98 -14.44
C MET A 389 2.41 14.90 -15.56
N SER A 390 2.82 15.19 -16.78
CA SER A 390 2.93 14.14 -17.77
C SER A 390 4.20 13.30 -17.58
N MET A 391 5.26 13.95 -17.11
CA MET A 391 6.52 13.26 -16.86
C MET A 391 6.54 12.40 -15.57
N ILE A 392 5.41 12.22 -14.87
CA ILE A 392 5.36 11.27 -13.73
C ILE A 392 5.62 9.83 -14.17
N GLY A 393 5.11 9.45 -15.35
CA GLY A 393 5.36 8.10 -15.86
C GLY A 393 6.84 7.84 -16.13
N TYR A 394 7.48 8.80 -16.80
CA TYR A 394 8.91 8.72 -17.15
C TYR A 394 9.81 8.81 -15.92
N VAL A 395 9.64 9.85 -15.11
CA VAL A 395 10.41 9.98 -13.87
C VAL A 395 10.39 8.65 -13.08
N GLY A 396 9.21 8.09 -12.85
CA GLY A 396 9.09 6.81 -12.17
C GLY A 396 9.77 5.62 -12.87
N ALA A 397 9.83 5.66 -14.19
CA ALA A 397 10.51 4.60 -14.95
C ALA A 397 12.02 4.51 -14.72
N VAL A 398 12.64 5.57 -14.19
CA VAL A 398 14.06 5.56 -13.81
C VAL A 398 14.31 4.65 -12.56
N PRO A 399 13.68 4.91 -11.39
CA PRO A 399 13.82 3.92 -10.32
C PRO A 399 13.45 2.48 -10.71
N ALA A 400 12.45 2.30 -11.58
CA ALA A 400 12.08 0.95 -12.04
C ALA A 400 13.17 0.22 -12.88
N PHE A 401 13.95 0.99 -13.66
CA PHE A 401 15.04 0.41 -14.44
C PHE A 401 16.09 -0.17 -13.50
N ALA A 402 16.59 0.68 -12.61
CA ALA A 402 17.50 0.29 -11.52
C ALA A 402 17.07 -0.98 -10.79
N ALA A 403 15.82 -1.01 -10.40
CA ALA A 403 15.29 -2.14 -9.68
C ALA A 403 15.36 -3.42 -10.49
N LEU A 404 15.12 -3.35 -11.80
CA LEU A 404 15.17 -4.54 -12.63
C LEU A 404 16.55 -5.17 -12.55
N ILE A 405 17.57 -4.31 -12.61
CA ILE A 405 18.95 -4.76 -12.60
C ILE A 405 19.27 -5.39 -11.24
N TRP A 406 18.98 -4.62 -10.19
CA TRP A 406 19.20 -5.01 -8.80
C TRP A 406 18.48 -6.33 -8.47
N SER A 407 17.27 -6.45 -8.99
CA SER A 407 16.51 -7.68 -8.94
C SER A 407 17.36 -8.84 -9.48
N ILE A 408 17.76 -8.73 -10.74
CA ILE A 408 18.46 -9.83 -11.42
C ILE A 408 19.78 -10.12 -10.72
N ILE A 409 20.50 -9.06 -10.31
CA ILE A 409 21.77 -9.20 -9.60
C ILE A 409 21.61 -10.10 -8.38
N ILE A 410 20.72 -9.71 -7.49
CA ILE A 410 20.60 -10.39 -6.18
C ILE A 410 19.97 -11.79 -6.24
N PHE A 411 19.09 -12.01 -7.21
CA PHE A 411 18.57 -13.35 -7.44
C PHE A 411 19.64 -14.29 -7.99
N ARG A 412 20.59 -13.76 -8.77
CA ARG A 412 21.80 -14.51 -9.20
C ARG A 412 22.69 -14.83 -7.98
N ARG A 413 22.83 -13.84 -7.10
CA ARG A 413 23.70 -13.95 -5.95
C ARG A 413 23.15 -14.89 -4.89
N TRP A 414 21.83 -14.92 -4.72
CA TRP A 414 21.19 -15.73 -3.68
C TRP A 414 20.01 -16.52 -4.23
N PRO A 415 20.32 -17.53 -5.02
CA PRO A 415 19.33 -18.41 -5.62
C PRO A 415 18.72 -19.30 -4.57
N VAL A 416 19.35 -19.34 -3.42
CA VAL A 416 18.86 -20.16 -2.35
C VAL A 416 17.50 -19.63 -1.91
N THR A 417 16.60 -20.55 -1.66
CA THR A 417 15.29 -20.28 -1.18
C THR A 417 14.66 -21.58 -0.73
N LEU A 418 13.62 -21.53 0.10
CA LEU A 418 12.97 -22.78 0.55
C LEU A 418 14.00 -23.76 1.13
C1 BNG B . 18.36 5.76 -4.51
C2 BNG B . 17.74 6.52 -5.72
C3 BNG B . 16.82 7.63 -5.34
C4 BNG B . 15.85 7.16 -4.30
C5 BNG B . 16.65 7.00 -2.99
C6 BNG B . 15.76 6.75 -1.80
C1' BNG B . 19.27 3.89 -5.82
C2' BNG B . 19.67 2.39 -5.56
C3' BNG B . 19.85 1.59 -6.88
C4' BNG B . 20.90 0.44 -6.72
C5' BNG B . 22.34 0.80 -7.29
C6' BNG B . 22.78 -0.15 -8.50
C7' BNG B . 23.00 0.60 -9.88
C8' BNG B . 24.50 0.58 -10.36
C9' BNG B . 24.78 1.80 -11.29
O1 BNG B . 18.45 4.39 -4.75
O2 BNG B . 18.79 7.05 -6.56
O3 BNG B . 16.09 8.16 -6.48
O4 BNG B . 14.79 8.10 -4.14
O5 BNG B . 17.64 5.91 -3.17
O6 BNG B . 16.46 7.06 -0.62
C1 BNG C . 14.80 3.48 8.28
C2 BNG C . 13.84 2.38 8.77
C3 BNG C . 13.98 2.21 10.24
C4 BNG C . 13.94 3.47 11.09
C5 BNG C . 13.87 4.80 10.31
C6 BNG C . 14.19 5.98 11.22
C1' BNG C . 16.49 2.26 7.02
C2' BNG C . 17.49 1.07 7.31
C3' BNG C . 17.19 -0.22 6.49
C4' BNG C . 18.32 -0.54 5.44
C5' BNG C . 18.14 0.19 4.06
C6' BNG C . 19.52 0.65 3.42
C7' BNG C . 19.91 2.12 3.87
C8' BNG C . 21.41 2.25 4.33
C9' BNG C . 21.53 2.53 5.85
O1 BNG C . 16.08 2.93 8.22
O2 BNG C . 12.48 2.64 8.40
O3 BNG C . 15.28 1.54 10.42
O4 BNG C . 12.79 3.47 11.96
O5 BNG C . 14.77 4.76 9.11
O6 BNG C . 13.95 5.77 12.61
C1 IPT D . 2.02 -2.58 3.50
C2 IPT D . 2.04 -2.09 4.93
O2 IPT D . 2.16 -0.66 5.01
C3 IPT D . 3.23 -2.71 5.55
O3 IPT D . 3.19 -2.33 6.96
C4 IPT D . 3.43 -4.21 5.38
O4 IPT D . 3.00 -4.95 6.55
C5 IPT D . 2.85 -4.77 4.06
O5 IPT D . 1.67 -4.03 3.58
C6 IPT D . 2.54 -6.24 4.08
O6 IPT D . 1.18 -6.51 3.98
S1 IPT D . 0.93 -1.59 2.53
C1' IPT D . 0.41 -2.35 0.93
C2' IPT D . 0.45 -3.87 0.94
C3' IPT D . 1.20 -1.78 -0.26
#